data_4UDA
#
_entry.id   4UDA
#
_cell.length_a   73.000
_cell.length_b   81.400
_cell.length_c   45.230
_cell.angle_alpha   90.00
_cell.angle_beta   90.00
_cell.angle_gamma   90.00
#
_symmetry.space_group_name_H-M   'P 21 21 21'
#
loop_
_entity.id
_entity.type
_entity.pdbx_description
1 polymer 'MINERALOCORTICOID RECEPTOR'
2 polymer 'NUCLEAR RECEPTOR COACTIVATOR 1'
3 non-polymer GLYCEROL
4 non-polymer DEXAMETHASONE
5 water water
#
loop_
_entity_poly.entity_id
_entity_poly.type
_entity_poly.pdbx_seq_one_letter_code
_entity_poly.pdbx_strand_id
1 'polypeptide(L)'
;GTPSPVMVLENIEPEIVYAGYDSSKPDTAENLLSTLNRLAGKQMIQVVKWAKVLPGFKNLPLEDQITLIQYSWMSLSSFA
LSWRSYKHTNSQFLYFAPDLVFNEEKMHQSAMYELCQGMHQISLQFVRLQLTFEEYTIMKVLLLLSTIPKDGLKSQAAFE
EMRTNYIKELRKMVTKSPNNSGQSWQRFYQLTKLLDSMHDLVSDLLEFCFYTFRESHALKVEFPAMLVEIISDQLPKVES
GNAKPLYFHRK
;
A
2 'polypeptide(L)' PQAQQKSLLQQLLTE B
#
loop_
_chem_comp.id
_chem_comp.type
_chem_comp.name
_chem_comp.formula
DEX non-polymer DEXAMETHASONE 'C22 H29 F O5'
GOL non-polymer GLYCEROL 'C3 H8 O3'
#
# COMPACT_ATOMS: atom_id res chain seq x y z
N PRO A 5 -8.72 -19.21 -3.10
CA PRO A 5 -7.85 -18.19 -2.48
C PRO A 5 -8.63 -17.06 -1.80
N VAL A 6 -9.85 -16.76 -2.28
CA VAL A 6 -10.74 -15.71 -1.78
C VAL A 6 -11.11 -15.93 -0.29
N MET A 7 -11.41 -17.19 0.08
CA MET A 7 -11.75 -17.54 1.46
C MET A 7 -10.53 -17.35 2.41
N VAL A 8 -9.32 -17.66 1.92
CA VAL A 8 -8.03 -17.50 2.62
C VAL A 8 -7.76 -16.02 2.94
N LEU A 9 -7.93 -15.14 1.92
CA LEU A 9 -7.74 -13.68 2.00
C LEU A 9 -8.67 -13.02 3.02
N GLU A 10 -9.92 -13.49 3.11
CA GLU A 10 -10.91 -13.01 4.05
C GLU A 10 -10.43 -13.28 5.50
N ASN A 11 -9.90 -14.51 5.75
CA ASN A 11 -9.42 -14.92 7.07
C ASN A 11 -8.13 -14.23 7.50
N ILE A 12 -7.18 -14.03 6.58
CA ILE A 12 -5.87 -13.43 6.91
C ILE A 12 -5.86 -11.89 6.84
N GLU A 13 -7.00 -11.26 6.54
CA GLU A 13 -7.10 -9.80 6.45
C GLU A 13 -6.77 -9.14 7.81
N PRO A 14 -5.71 -8.27 7.83
CA PRO A 14 -5.30 -7.64 9.11
C PRO A 14 -6.35 -6.73 9.77
N GLU A 15 -6.46 -6.80 11.11
CA GLU A 15 -7.39 -5.99 11.91
C GLU A 15 -6.96 -4.50 11.93
N ILE A 16 -7.90 -3.59 12.24
CA ILE A 16 -7.65 -2.16 12.29
C ILE A 16 -6.59 -1.79 13.36
N VAL A 17 -5.69 -0.85 13.01
CA VAL A 17 -4.62 -0.38 13.88
C VAL A 17 -4.94 1.06 14.30
N TYR A 18 -4.80 1.34 15.61
CA TYR A 18 -5.01 2.66 16.17
C TYR A 18 -3.71 3.45 16.10
N ALA A 19 -3.81 4.73 15.77
CA ALA A 19 -2.70 5.67 15.69
C ALA A 19 -2.19 6.09 17.08
N GLY A 20 -3.04 6.00 18.12
CA GLY A 20 -2.70 6.48 19.47
C GLY A 20 -2.64 7.99 19.47
N TYR A 21 -3.41 8.62 18.56
CA TYR A 21 -3.45 10.06 18.36
C TYR A 21 -4.35 10.74 19.36
N ASP A 22 -3.87 11.84 19.90
CA ASP A 22 -4.62 12.65 20.85
C ASP A 22 -5.07 13.91 20.10
N SER A 23 -6.37 14.06 19.91
CA SER A 23 -7.02 15.15 19.18
C SER A 23 -6.94 16.51 19.87
N SER A 24 -6.54 16.53 21.16
CA SER A 24 -6.43 17.76 21.93
C SER A 24 -5.02 18.36 21.82
N LYS A 25 -4.17 17.71 21.03
CA LYS A 25 -2.80 18.13 20.80
C LYS A 25 -2.68 19.00 19.55
N PRO A 26 -1.65 19.88 19.48
CA PRO A 26 -1.49 20.72 18.27
C PRO A 26 -1.25 19.93 16.99
N ASP A 27 -1.94 20.36 15.91
CA ASP A 27 -1.89 19.77 14.57
C ASP A 27 -0.72 20.32 13.75
N THR A 28 0.52 20.13 14.23
CA THR A 28 1.70 20.57 13.48
C THR A 28 2.00 19.48 12.44
N ALA A 29 2.74 19.82 11.37
CA ALA A 29 3.13 18.86 10.33
C ALA A 29 4.05 17.81 10.95
N GLU A 30 5.00 18.22 11.79
CA GLU A 30 5.90 17.28 12.45
C GLU A 30 5.13 16.26 13.26
N ASN A 31 4.18 16.68 14.11
CA ASN A 31 3.36 15.77 14.93
C ASN A 31 2.50 14.84 14.05
N LEU A 32 1.75 15.42 13.09
CA LEU A 32 0.89 14.65 12.18
C LEU A 32 1.69 13.58 11.39
N LEU A 33 2.76 14.01 10.68
CA LEU A 33 3.61 13.13 9.86
C LEU A 33 4.33 12.04 10.67
N SER A 34 4.80 12.39 11.89
CA SER A 34 5.45 11.45 12.81
C SER A 34 4.43 10.42 13.28
N THR A 35 3.20 10.86 13.63
CA THR A 35 2.12 9.92 14.06
C THR A 35 1.79 8.92 12.95
N LEU A 36 1.62 9.43 11.71
CA LEU A 36 1.34 8.59 10.55
C LEU A 36 2.44 7.58 10.25
N ASN A 37 3.73 7.97 10.42
CA ASN A 37 4.85 7.07 10.21
C ASN A 37 4.90 5.97 11.28
N ARG A 38 4.63 6.30 12.55
CA ARG A 38 4.58 5.32 13.65
C ARG A 38 3.43 4.33 13.38
N LEU A 39 2.32 4.84 12.81
CA LEU A 39 1.13 4.07 12.45
C LEU A 39 1.48 3.11 11.31
N ALA A 40 2.22 3.61 10.30
CA ALA A 40 2.72 2.86 9.15
C ALA A 40 3.59 1.68 9.61
N GLY A 41 4.45 1.91 10.61
CA GLY A 41 5.28 0.85 11.20
C GLY A 41 4.46 -0.29 11.80
N LYS A 42 3.43 0.04 12.60
CA LYS A 42 2.53 -0.96 13.21
C LYS A 42 1.70 -1.69 12.15
N GLN A 43 1.17 -0.95 11.15
CA GLN A 43 0.39 -1.48 10.04
C GLN A 43 1.21 -2.45 9.20
N MET A 44 2.51 -2.11 8.95
CA MET A 44 3.42 -2.91 8.13
C MET A 44 3.77 -4.26 8.77
N ILE A 45 3.80 -4.33 10.10
CA ILE A 45 4.02 -5.60 10.80
C ILE A 45 2.86 -6.55 10.42
N GLN A 46 1.63 -6.02 10.40
CA GLN A 46 0.45 -6.82 10.04
C GLN A 46 0.52 -7.17 8.56
N VAL A 47 0.85 -6.18 7.69
CA VAL A 47 0.97 -6.37 6.23
C VAL A 47 1.95 -7.53 5.92
N VAL A 48 3.12 -7.57 6.61
CA VAL A 48 4.14 -8.60 6.41
C VAL A 48 3.63 -9.96 6.90
N LYS A 49 2.83 -9.97 7.99
CA LYS A 49 2.22 -11.20 8.51
C LYS A 49 1.18 -11.74 7.53
N TRP A 50 0.43 -10.83 6.87
CA TRP A 50 -0.60 -11.14 5.85
C TRP A 50 0.08 -11.73 4.59
N ALA A 51 1.18 -11.10 4.12
CA ALA A 51 1.98 -11.51 2.97
C ALA A 51 2.60 -12.90 3.12
N LYS A 52 3.20 -13.18 4.29
CA LYS A 52 3.88 -14.43 4.66
C LYS A 52 3.05 -15.70 4.37
N VAL A 53 1.74 -15.64 4.64
CA VAL A 53 0.81 -16.75 4.49
C VAL A 53 -0.05 -16.71 3.21
N LEU A 54 0.22 -15.75 2.28
CA LEU A 54 -0.56 -15.63 1.03
C LEU A 54 -0.35 -16.82 0.12
N PRO A 55 -1.43 -17.39 -0.45
CA PRO A 55 -1.24 -18.51 -1.41
C PRO A 55 -0.33 -18.09 -2.56
N GLY A 56 0.75 -18.84 -2.76
CA GLY A 56 1.75 -18.60 -3.81
C GLY A 56 2.95 -17.79 -3.39
N PHE A 57 2.74 -16.73 -2.58
CA PHE A 57 3.82 -15.84 -2.09
C PHE A 57 4.80 -16.58 -1.21
N LYS A 58 4.27 -17.49 -0.39
CA LYS A 58 5.06 -18.33 0.49
C LYS A 58 6.06 -19.18 -0.27
N ASN A 59 5.87 -19.36 -1.60
CA ASN A 59 6.76 -20.13 -2.47
C ASN A 59 7.87 -19.30 -3.16
N LEU A 60 7.87 -17.97 -2.97
CA LEU A 60 8.91 -17.13 -3.56
C LEU A 60 10.11 -17.13 -2.61
N PRO A 61 11.37 -17.04 -3.08
CA PRO A 61 12.47 -17.03 -2.11
C PRO A 61 12.37 -15.77 -1.25
N LEU A 62 12.85 -15.86 0.00
CA LEU A 62 12.84 -14.77 0.98
C LEU A 62 13.33 -13.42 0.39
N GLU A 63 14.40 -13.44 -0.41
CA GLU A 63 14.95 -12.23 -1.05
C GLU A 63 13.94 -11.55 -2.01
N ASP A 64 13.14 -12.37 -2.73
CA ASP A 64 12.10 -11.86 -3.63
C ASP A 64 10.93 -11.36 -2.80
N GLN A 65 10.66 -12.00 -1.65
CA GLN A 65 9.59 -11.58 -0.75
C GLN A 65 9.88 -10.18 -0.22
N ILE A 66 11.12 -9.95 0.24
CA ILE A 66 11.63 -8.66 0.76
C ILE A 66 11.56 -7.58 -0.33
N THR A 67 12.11 -7.85 -1.51
CA THR A 67 12.07 -6.94 -2.66
C THR A 67 10.62 -6.47 -2.95
N LEU A 68 9.67 -7.42 -3.05
CA LEU A 68 8.26 -7.12 -3.34
C LEU A 68 7.58 -6.27 -2.26
N ILE A 69 7.85 -6.56 -0.97
CA ILE A 69 7.31 -5.78 0.16
C ILE A 69 7.91 -4.36 0.17
N GLN A 70 9.25 -4.25 -0.08
CA GLN A 70 9.94 -2.95 -0.12
C GLN A 70 9.48 -2.10 -1.30
N TYR A 71 9.18 -2.72 -2.43
CA TYR A 71 8.69 -1.95 -3.58
C TYR A 71 7.22 -1.53 -3.45
N SER A 72 6.38 -2.39 -2.83
CA SER A 72 4.92 -2.20 -2.77
C SER A 72 4.31 -1.63 -1.47
N TRP A 73 5.10 -1.49 -0.37
CA TRP A 73 4.60 -1.02 0.94
C TRP A 73 3.76 0.27 0.82
N MET A 74 4.23 1.25 0.03
CA MET A 74 3.51 2.51 -0.17
C MET A 74 2.17 2.29 -0.88
N SER A 75 2.13 1.41 -1.88
CA SER A 75 0.92 1.10 -2.64
C SER A 75 -0.11 0.38 -1.74
N LEU A 76 0.34 -0.64 -0.99
CA LEU A 76 -0.54 -1.37 -0.09
C LEU A 76 -1.12 -0.45 1.00
N SER A 77 -0.29 0.44 1.54
CA SER A 77 -0.68 1.39 2.60
C SER A 77 -1.73 2.40 2.10
N SER A 78 -1.51 2.97 0.92
CA SER A 78 -2.47 3.94 0.34
C SER A 78 -3.80 3.28 -0.07
N PHE A 79 -3.74 2.05 -0.61
CA PHE A 79 -4.93 1.31 -1.04
C PHE A 79 -5.79 0.91 0.16
N ALA A 80 -5.17 0.53 1.29
CA ALA A 80 -5.85 0.15 2.52
C ALA A 80 -6.47 1.38 3.17
N LEU A 81 -5.78 2.52 3.07
CA LEU A 81 -6.27 3.82 3.56
C LEU A 81 -7.57 4.19 2.85
N SER A 82 -7.59 4.03 1.51
CA SER A 82 -8.76 4.32 0.69
C SER A 82 -9.88 3.33 0.99
N TRP A 83 -9.52 2.06 1.25
CA TRP A 83 -10.49 1.04 1.64
C TRP A 83 -11.20 1.43 2.96
N ARG A 84 -10.43 1.80 4.01
CA ARG A 84 -10.99 2.24 5.28
C ARG A 84 -11.82 3.52 5.09
N SER A 85 -11.31 4.47 4.29
CA SER A 85 -12.01 5.73 3.99
C SER A 85 -13.39 5.46 3.41
N TYR A 86 -13.47 4.52 2.47
CA TYR A 86 -14.69 4.11 1.80
C TYR A 86 -15.67 3.39 2.77
N LYS A 87 -15.18 2.39 3.50
CA LYS A 87 -15.96 1.55 4.42
C LYS A 87 -16.41 2.26 5.70
N HIS A 88 -15.62 3.21 6.21
CA HIS A 88 -16.02 3.89 7.44
C HIS A 88 -16.60 5.26 7.27
N THR A 89 -16.35 5.90 6.13
CA THR A 89 -16.80 7.29 6.01
C THR A 89 -17.50 7.55 4.68
N ASN A 90 -17.69 6.49 3.86
CA ASN A 90 -18.24 6.59 2.50
C ASN A 90 -17.37 7.55 1.65
N SER A 91 -16.04 7.51 1.86
CA SER A 91 -15.04 8.36 1.18
C SER A 91 -15.32 9.88 1.32
N GLN A 92 -15.68 10.31 2.53
CA GLN A 92 -15.85 11.74 2.79
C GLN A 92 -14.57 12.28 3.40
N PHE A 93 -13.84 11.39 4.14
CA PHE A 93 -12.60 11.72 4.84
C PHE A 93 -11.53 10.67 4.56
N LEU A 94 -10.30 10.91 5.04
CA LEU A 94 -9.17 10.00 4.94
C LEU A 94 -9.04 9.34 6.29
N TYR A 95 -9.51 8.10 6.38
CA TYR A 95 -9.56 7.33 7.61
C TYR A 95 -8.26 6.59 7.82
N PHE A 96 -7.22 7.29 8.32
CA PHE A 96 -5.91 6.69 8.56
C PHE A 96 -6.02 5.62 9.65
N ALA A 97 -6.75 5.94 10.72
CA ALA A 97 -7.02 5.05 11.86
C ALA A 97 -8.34 5.49 12.48
N PRO A 98 -9.02 4.70 13.35
CA PRO A 98 -10.29 5.18 13.97
C PRO A 98 -10.15 6.49 14.76
N ASP A 99 -8.98 6.71 15.38
CA ASP A 99 -8.64 7.88 16.19
C ASP A 99 -7.86 8.96 15.41
N LEU A 100 -7.66 8.76 14.09
CA LEU A 100 -7.01 9.76 13.25
C LEU A 100 -7.65 9.77 11.86
N VAL A 101 -8.65 10.66 11.69
CA VAL A 101 -9.42 10.84 10.46
C VAL A 101 -9.16 12.26 9.93
N PHE A 102 -8.64 12.35 8.70
CA PHE A 102 -8.32 13.65 8.10
C PHE A 102 -9.47 14.25 7.36
N ASN A 103 -9.74 15.51 7.66
CA ASN A 103 -10.68 16.35 6.93
C ASN A 103 -9.74 17.31 6.15
N GLU A 104 -10.31 18.30 5.42
CA GLU A 104 -9.51 19.28 4.67
C GLU A 104 -8.54 20.04 5.58
N GLU A 105 -8.96 20.33 6.80
CA GLU A 105 -8.19 21.07 7.80
C GLU A 105 -6.88 20.37 8.14
N LYS A 106 -6.94 19.06 8.48
CA LYS A 106 -5.77 18.25 8.82
C LYS A 106 -4.86 18.05 7.62
N MET A 107 -5.47 17.95 6.41
CA MET A 107 -4.76 17.81 5.15
C MET A 107 -3.82 19.00 4.94
N HIS A 108 -4.32 20.24 5.15
CA HIS A 108 -3.50 21.46 5.05
C HIS A 108 -2.37 21.49 6.11
N GLN A 109 -2.68 21.11 7.34
CA GLN A 109 -1.71 21.12 8.46
C GLN A 109 -0.62 20.04 8.37
N SER A 110 -0.88 18.95 7.63
CA SER A 110 0.08 17.84 7.48
C SER A 110 1.23 18.22 6.57
N ALA A 111 1.09 19.34 5.81
CA ALA A 111 2.06 19.83 4.84
C ALA A 111 2.10 18.91 3.58
N MET A 112 1.06 18.08 3.37
CA MET A 112 0.99 17.19 2.18
C MET A 112 -0.44 17.19 1.60
N TYR A 113 -1.02 18.38 1.51
CA TYR A 113 -2.39 18.57 1.02
C TYR A 113 -2.67 17.93 -0.36
N GLU A 114 -1.84 18.23 -1.38
CA GLU A 114 -2.06 17.68 -2.72
C GLU A 114 -1.94 16.17 -2.77
N LEU A 115 -1.02 15.60 -1.98
CA LEU A 115 -0.85 14.14 -1.92
C LEU A 115 -2.03 13.49 -1.22
N CYS A 116 -2.60 14.18 -0.22
CA CYS A 116 -3.80 13.72 0.50
C CYS A 116 -4.94 13.71 -0.49
N GLN A 117 -5.08 14.79 -1.29
CA GLN A 117 -6.08 14.88 -2.36
C GLN A 117 -5.94 13.73 -3.37
N GLY A 118 -4.70 13.39 -3.73
CA GLY A 118 -4.39 12.27 -4.62
C GLY A 118 -4.83 10.93 -4.03
N MET A 119 -4.59 10.72 -2.72
CA MET A 119 -5.02 9.48 -2.03
C MET A 119 -6.57 9.42 -1.89
N HIS A 120 -7.21 10.61 -1.69
CA HIS A 120 -8.68 10.76 -1.60
C HIS A 120 -9.36 10.41 -2.93
N GLN A 121 -8.71 10.70 -4.08
CA GLN A 121 -9.27 10.41 -5.42
C GLN A 121 -9.50 8.92 -5.60
N ILE A 122 -8.61 8.09 -5.00
CA ILE A 122 -8.70 6.62 -5.06
C ILE A 122 -9.94 6.21 -4.24
N SER A 123 -10.15 6.81 -3.03
CA SER A 123 -11.34 6.52 -2.19
C SER A 123 -12.62 6.83 -2.93
N LEU A 124 -12.62 7.97 -3.68
CA LEU A 124 -13.74 8.44 -4.50
C LEU A 124 -14.07 7.40 -5.57
N GLN A 125 -13.03 6.82 -6.20
CA GLN A 125 -13.18 5.74 -7.18
C GLN A 125 -13.84 4.48 -6.58
N PHE A 126 -13.51 4.14 -5.31
CA PHE A 126 -14.08 2.99 -4.60
C PHE A 126 -15.59 3.18 -4.41
N VAL A 127 -16.03 4.42 -4.11
CA VAL A 127 -17.45 4.79 -3.97
C VAL A 127 -18.16 4.67 -5.34
N ARG A 128 -17.52 5.19 -6.40
CA ARG A 128 -18.03 5.13 -7.77
C ARG A 128 -18.22 3.67 -8.23
N LEU A 129 -17.24 2.82 -7.97
CA LEU A 129 -17.30 1.40 -8.36
C LEU A 129 -18.08 0.53 -7.39
N GLN A 130 -18.26 1.00 -6.14
CA GLN A 130 -18.91 0.26 -5.06
C GLN A 130 -18.13 -1.05 -4.87
N LEU A 131 -16.80 -0.90 -4.76
CA LEU A 131 -15.83 -1.98 -4.58
C LEU A 131 -16.25 -2.96 -3.49
N THR A 132 -16.10 -4.25 -3.75
CA THR A 132 -16.44 -5.28 -2.76
C THR A 132 -15.18 -5.68 -2.02
N PHE A 133 -15.33 -6.25 -0.82
CA PHE A 133 -14.20 -6.72 -0.01
C PHE A 133 -13.37 -7.75 -0.74
N GLU A 134 -14.03 -8.70 -1.43
CA GLU A 134 -13.39 -9.78 -2.19
C GLU A 134 -12.50 -9.20 -3.30
N GLU A 135 -13.03 -8.22 -4.06
CA GLU A 135 -12.32 -7.52 -5.13
C GLU A 135 -11.12 -6.81 -4.54
N TYR A 136 -11.32 -6.09 -3.43
CA TYR A 136 -10.30 -5.38 -2.69
C TYR A 136 -9.12 -6.31 -2.30
N THR A 137 -9.40 -7.47 -1.68
CA THR A 137 -8.34 -8.43 -1.25
C THR A 137 -7.47 -8.96 -2.39
N ILE A 138 -8.06 -9.23 -3.58
CA ILE A 138 -7.28 -9.70 -4.74
C ILE A 138 -6.45 -8.55 -5.31
N MET A 139 -7.06 -7.35 -5.41
CA MET A 139 -6.37 -6.14 -5.90
C MET A 139 -5.15 -5.80 -5.03
N LYS A 140 -5.25 -6.02 -3.72
CA LYS A 140 -4.17 -5.82 -2.75
C LYS A 140 -3.00 -6.76 -3.06
N VAL A 141 -3.29 -8.04 -3.38
CA VAL A 141 -2.26 -9.02 -3.77
C VAL A 141 -1.61 -8.56 -5.06
N LEU A 142 -2.42 -8.09 -6.05
CA LEU A 142 -1.91 -7.58 -7.33
C LEU A 142 -0.98 -6.36 -7.12
N LEU A 143 -1.32 -5.49 -6.14
CA LEU A 143 -0.45 -4.37 -5.75
C LEU A 143 0.85 -4.88 -5.15
N LEU A 144 0.82 -5.93 -4.29
CA LEU A 144 2.05 -6.54 -3.74
C LEU A 144 2.98 -7.00 -4.90
N LEU A 145 2.38 -7.49 -6.02
CA LEU A 145 3.15 -7.97 -7.18
C LEU A 145 3.13 -6.98 -8.36
N SER A 146 3.09 -5.66 -8.08
CA SER A 146 2.97 -4.64 -9.12
C SER A 146 4.29 -3.99 -9.55
N THR A 147 5.39 -4.19 -8.80
CA THR A 147 6.73 -3.62 -9.12
C THR A 147 7.83 -4.65 -8.90
N ILE A 148 8.75 -4.78 -9.86
CA ILE A 148 9.87 -5.74 -9.76
C ILE A 148 11.18 -5.05 -10.11
N PRO A 149 12.38 -5.62 -9.78
CA PRO A 149 13.63 -4.98 -10.24
C PRO A 149 13.72 -4.98 -11.77
N LYS A 150 14.46 -4.02 -12.36
CA LYS A 150 14.63 -3.91 -13.82
C LYS A 150 15.12 -5.21 -14.48
N ASP A 151 16.00 -5.94 -13.79
CA ASP A 151 16.56 -7.21 -14.27
C ASP A 151 15.79 -8.43 -13.76
N GLY A 152 14.65 -8.20 -13.11
CA GLY A 152 13.78 -9.24 -12.58
C GLY A 152 14.20 -9.78 -11.23
N LEU A 153 13.36 -10.67 -10.69
CA LEU A 153 13.57 -11.29 -9.39
C LEU A 153 14.46 -12.53 -9.52
N LYS A 154 14.86 -13.15 -8.37
CA LYS A 154 15.64 -14.38 -8.35
C LYS A 154 14.82 -15.51 -9.01
N SER A 155 13.52 -15.66 -8.63
CA SER A 155 12.58 -16.62 -9.22
C SER A 155 11.52 -15.90 -10.06
N GLN A 156 11.92 -15.32 -11.21
CA GLN A 156 11.04 -14.57 -12.10
C GLN A 156 9.87 -15.39 -12.65
N ALA A 157 10.11 -16.67 -13.01
CA ALA A 157 9.09 -17.56 -13.54
C ALA A 157 7.99 -17.87 -12.50
N ALA A 158 8.42 -18.18 -11.25
CA ALA A 158 7.55 -18.46 -10.12
C ALA A 158 6.65 -17.24 -9.85
N PHE A 159 7.25 -16.04 -9.95
CA PHE A 159 6.59 -14.76 -9.80
C PHE A 159 5.50 -14.61 -10.86
N GLU A 160 5.87 -14.71 -12.13
CA GLU A 160 4.93 -14.58 -13.26
C GLU A 160 3.76 -15.55 -13.17
N GLU A 161 4.02 -16.80 -12.70
CA GLU A 161 2.99 -17.81 -12.51
C GLU A 161 2.00 -17.34 -11.44
N MET A 162 2.51 -16.94 -10.24
CA MET A 162 1.67 -16.42 -9.15
C MET A 162 0.82 -15.24 -9.62
N ARG A 163 1.45 -14.24 -10.26
CA ARG A 163 0.76 -13.03 -10.70
C ARG A 163 -0.35 -13.32 -11.72
N THR A 164 -0.07 -14.19 -12.69
CA THR A 164 -1.07 -14.59 -13.69
C THR A 164 -2.27 -15.24 -12.99
N ASN A 165 -2.01 -16.08 -11.97
CA ASN A 165 -3.04 -16.76 -11.19
C ASN A 165 -3.93 -15.78 -10.45
N TYR A 166 -3.34 -14.66 -9.93
CA TYR A 166 -4.12 -13.64 -9.24
C TYR A 166 -4.88 -12.76 -10.24
N ILE A 167 -4.33 -12.50 -11.46
CA ILE A 167 -5.07 -11.78 -12.51
C ILE A 167 -6.32 -12.62 -12.89
N LYS A 168 -6.13 -13.95 -13.15
CA LYS A 168 -7.22 -14.91 -13.46
C LYS A 168 -8.23 -14.90 -12.31
N GLU A 169 -7.76 -14.94 -11.06
CA GLU A 169 -8.57 -14.88 -9.84
C GLU A 169 -9.47 -13.62 -9.84
N LEU A 170 -8.93 -12.45 -10.25
CA LEU A 170 -9.72 -11.20 -10.33
C LEU A 170 -10.78 -11.32 -11.42
N ARG A 171 -10.42 -11.91 -12.57
CA ARG A 171 -11.34 -12.12 -13.69
C ARG A 171 -12.51 -13.03 -13.24
N LYS A 172 -12.21 -14.09 -12.45
CA LYS A 172 -13.19 -15.03 -11.88
C LYS A 172 -14.12 -14.31 -10.90
N MET A 173 -13.59 -13.36 -10.10
CA MET A 173 -14.35 -12.57 -9.14
C MET A 173 -15.36 -11.63 -9.80
N VAL A 174 -14.94 -10.88 -10.83
CA VAL A 174 -15.82 -9.96 -11.52
C VAL A 174 -16.93 -10.70 -12.30
N THR A 175 -16.71 -12.00 -12.65
CA THR A 175 -17.68 -12.85 -13.35
C THR A 175 -18.61 -13.54 -12.30
N LYS A 176 -19.19 -12.74 -11.40
CA LYS A 176 -20.06 -13.16 -10.31
C LYS A 176 -21.00 -12.01 -9.91
N SER A 181 -22.58 -8.95 -19.17
CA SER A 181 -21.35 -9.56 -18.67
C SER A 181 -20.11 -9.40 -19.63
N GLY A 182 -19.91 -8.26 -20.31
CA GLY A 182 -20.72 -7.04 -20.34
C GLY A 182 -20.33 -6.09 -19.23
N GLN A 183 -21.08 -6.17 -18.10
CA GLN A 183 -20.79 -5.41 -16.89
C GLN A 183 -19.52 -6.01 -16.25
N SER A 184 -19.37 -7.37 -16.29
CA SER A 184 -18.20 -8.07 -15.74
C SER A 184 -16.92 -7.74 -16.53
N TRP A 185 -17.05 -7.59 -17.86
CA TRP A 185 -15.95 -7.21 -18.76
C TRP A 185 -15.54 -5.78 -18.47
N GLN A 186 -16.52 -4.86 -18.32
CA GLN A 186 -16.26 -3.45 -17.99
C GLN A 186 -15.60 -3.36 -16.60
N ARG A 187 -16.08 -4.20 -15.66
CA ARG A 187 -15.56 -4.24 -14.29
C ARG A 187 -14.09 -4.62 -14.25
N PHE A 188 -13.69 -5.67 -15.00
CA PHE A 188 -12.29 -6.10 -15.06
C PHE A 188 -11.45 -4.97 -15.65
N TYR A 189 -11.96 -4.30 -16.70
CA TYR A 189 -11.28 -3.17 -17.32
C TYR A 189 -11.08 -2.03 -16.28
N GLN A 190 -12.15 -1.67 -15.56
CA GLN A 190 -12.14 -0.59 -14.56
C GLN A 190 -11.24 -0.91 -13.34
N LEU A 191 -11.28 -2.15 -12.83
CA LEU A 191 -10.47 -2.53 -11.68
C LEU A 191 -8.97 -2.56 -12.03
N THR A 192 -8.62 -2.97 -13.28
CA THR A 192 -7.22 -3.03 -13.72
C THR A 192 -6.68 -1.64 -14.09
N LYS A 193 -7.56 -0.72 -14.55
CA LYS A 193 -7.18 0.66 -14.83
C LYS A 193 -6.91 1.33 -13.47
N LEU A 194 -7.72 0.98 -12.45
CA LEU A 194 -7.56 1.52 -11.09
C LEU A 194 -6.24 1.07 -10.48
N LEU A 195 -5.83 -0.19 -10.76
CA LEU A 195 -4.55 -0.72 -10.29
C LEU A 195 -3.36 0.06 -10.88
N ASP A 196 -3.40 0.33 -12.19
CA ASP A 196 -2.38 1.11 -12.90
C ASP A 196 -2.26 2.54 -12.40
N SER A 197 -3.40 3.14 -12.02
CA SER A 197 -3.45 4.52 -11.52
C SER A 197 -2.68 4.64 -10.19
N MET A 198 -2.51 3.53 -9.44
CA MET A 198 -1.75 3.52 -8.21
C MET A 198 -0.27 3.83 -8.46
N HIS A 199 0.30 3.45 -9.62
CA HIS A 199 1.72 3.74 -9.92
C HIS A 199 2.07 5.25 -9.89
N ASP A 200 1.25 6.10 -10.57
CA ASP A 200 1.45 7.55 -10.65
C ASP A 200 1.34 8.19 -9.26
N LEU A 201 0.32 7.79 -8.48
CA LEU A 201 0.10 8.25 -7.12
C LEU A 201 1.29 7.95 -6.21
N VAL A 202 1.70 6.67 -6.15
CA VAL A 202 2.79 6.13 -5.31
C VAL A 202 4.13 6.81 -5.65
N SER A 203 4.33 7.14 -6.92
CA SER A 203 5.54 7.83 -7.38
C SER A 203 5.63 9.20 -6.66
N ASP A 204 4.51 9.95 -6.59
CA ASP A 204 4.43 11.25 -5.90
C ASP A 204 4.56 11.12 -4.38
N LEU A 205 3.96 10.07 -3.78
CA LEU A 205 4.03 9.83 -2.34
C LEU A 205 5.48 9.50 -1.93
N LEU A 206 6.14 8.62 -2.69
CA LEU A 206 7.53 8.23 -2.42
C LEU A 206 8.48 9.38 -2.58
N GLU A 207 8.19 10.32 -3.49
CA GLU A 207 9.05 11.49 -3.67
C GLU A 207 9.09 12.33 -2.36
N PHE A 208 7.91 12.52 -1.72
CA PHE A 208 7.78 13.29 -0.49
C PHE A 208 8.31 12.47 0.66
N CYS A 209 8.10 11.14 0.59
CA CYS A 209 8.56 10.25 1.64
C CYS A 209 10.08 10.27 1.69
N PHE A 210 10.73 10.13 0.52
CA PHE A 210 12.20 10.13 0.43
C PHE A 210 12.82 11.44 0.89
N TYR A 211 12.16 12.57 0.59
CA TYR A 211 12.60 13.88 1.00
C TYR A 211 12.54 14.01 2.53
N THR A 212 11.40 13.64 3.16
CA THR A 212 11.23 13.72 4.60
C THR A 212 12.09 12.71 5.32
N PHE A 213 12.42 11.58 4.68
CA PHE A 213 13.30 10.57 5.26
C PHE A 213 14.75 11.13 5.30
N ARG A 214 15.20 11.75 4.20
N ARG A 214 15.20 11.74 4.19
CA ARG A 214 16.52 12.37 4.09
CA ARG A 214 16.52 12.37 4.06
C ARG A 214 16.63 13.53 5.08
C ARG A 214 16.64 13.53 5.07
N GLU A 215 15.57 14.36 5.15
CA GLU A 215 15.49 15.55 5.99
C GLU A 215 14.82 15.32 7.33
N SER A 216 14.78 14.07 7.77
CA SER A 216 14.18 13.63 9.04
C SER A 216 14.60 14.47 10.24
N HIS A 217 15.91 14.70 10.40
CA HIS A 217 16.52 15.44 11.49
C HIS A 217 16.11 16.91 11.50
N ALA A 218 16.27 17.63 10.37
CA ALA A 218 15.88 19.05 10.29
C ALA A 218 14.37 19.25 10.43
N LEU A 219 13.58 18.39 9.79
CA LEU A 219 12.12 18.47 9.82
C LEU A 219 11.47 17.95 11.10
N LYS A 220 12.20 17.12 11.87
CA LYS A 220 11.76 16.47 13.12
C LYS A 220 10.61 15.46 12.82
N VAL A 221 10.67 14.81 11.63
CA VAL A 221 9.70 13.82 11.19
C VAL A 221 10.25 12.45 11.57
N GLU A 222 9.68 11.83 12.62
CA GLU A 222 10.11 10.51 13.11
C GLU A 222 9.73 9.41 12.13
N PHE A 223 10.51 8.32 12.16
CA PHE A 223 10.32 7.12 11.37
C PHE A 223 10.60 5.94 12.29
N PRO A 224 9.66 5.00 12.44
CA PRO A 224 9.94 3.81 13.29
C PRO A 224 10.91 2.89 12.58
N ALA A 225 11.59 1.98 13.32
CA ALA A 225 12.60 1.07 12.78
C ALA A 225 12.14 0.30 11.54
N MET A 226 10.87 -0.10 11.50
CA MET A 226 10.25 -0.84 10.38
C MET A 226 10.35 -0.01 9.11
N LEU A 227 10.04 1.30 9.20
CA LEU A 227 10.11 2.16 8.03
C LEU A 227 11.55 2.56 7.68
N VAL A 228 12.45 2.69 8.68
CA VAL A 228 13.87 3.04 8.44
C VAL A 228 14.54 1.96 7.58
N GLU A 229 14.37 0.68 7.96
CA GLU A 229 14.93 -0.47 7.23
C GLU A 229 14.40 -0.56 5.79
N ILE A 230 13.08 -0.54 5.61
CA ILE A 230 12.44 -0.58 4.29
C ILE A 230 12.92 0.57 3.39
N ILE A 231 12.75 1.84 3.83
CA ILE A 231 13.10 3.03 3.04
C ILE A 231 14.61 3.09 2.74
N SER A 232 15.48 2.67 3.68
CA SER A 232 16.95 2.65 3.44
C SER A 232 17.33 1.76 2.27
N ASP A 233 16.61 0.64 2.09
CA ASP A 233 16.83 -0.28 0.98
C ASP A 233 16.12 0.18 -0.28
N GLN A 234 14.86 0.61 -0.14
CA GLN A 234 14.01 1.02 -1.26
C GLN A 234 14.48 2.27 -1.99
N LEU A 235 14.72 3.37 -1.26
CA LEU A 235 15.14 4.68 -1.79
C LEU A 235 16.28 4.57 -2.84
N PRO A 236 17.45 3.91 -2.59
CA PRO A 236 18.48 3.85 -3.63
C PRO A 236 18.02 3.15 -4.93
N LYS A 237 17.19 2.11 -4.81
CA LYS A 237 16.67 1.33 -5.94
C LYS A 237 15.75 2.17 -6.80
N VAL A 238 14.79 2.86 -6.17
CA VAL A 238 13.81 3.70 -6.88
C VAL A 238 14.53 4.86 -7.59
N GLU A 239 15.34 5.61 -6.84
CA GLU A 239 16.08 6.76 -7.34
C GLU A 239 17.09 6.47 -8.47
N SER A 240 17.69 5.24 -8.51
CA SER A 240 18.63 4.85 -9.56
C SER A 240 17.95 4.25 -10.81
N GLY A 241 16.62 4.13 -10.77
CA GLY A 241 15.84 3.57 -11.87
C GLY A 241 15.70 2.06 -11.87
N ASN A 242 16.13 1.40 -10.77
CA ASN A 242 16.05 -0.06 -10.62
C ASN A 242 14.60 -0.58 -10.51
N ALA A 243 13.61 0.24 -10.14
CA ALA A 243 12.23 -0.24 -10.06
C ALA A 243 11.58 -0.33 -11.46
N LYS A 244 10.80 -1.40 -11.69
CA LYS A 244 10.07 -1.59 -12.95
C LYS A 244 8.57 -1.80 -12.63
N PRO A 245 7.72 -0.76 -12.83
CA PRO A 245 6.28 -0.93 -12.57
C PRO A 245 5.60 -1.79 -13.65
N LEU A 246 4.75 -2.72 -13.21
CA LEU A 246 4.02 -3.58 -14.13
C LEU A 246 2.62 -3.02 -14.30
N TYR A 247 2.20 -2.85 -15.56
CA TYR A 247 0.93 -2.25 -15.94
C TYR A 247 0.00 -3.20 -16.67
N PHE A 248 -1.32 -3.01 -16.50
CA PHE A 248 -2.33 -3.79 -17.19
C PHE A 248 -2.64 -3.12 -18.54
N HIS A 249 -2.51 -1.79 -18.61
CA HIS A 249 -2.81 -0.99 -19.79
C HIS A 249 -1.56 -0.18 -20.21
N ARG A 250 -1.70 0.78 -21.16
CA ARG A 250 -0.60 1.58 -21.74
C ARG A 250 0.23 0.73 -22.73
N LYS B 6 19.93 -9.66 11.54
CA LYS B 6 18.67 -10.05 10.92
C LYS B 6 17.65 -8.90 10.96
N SER B 7 17.28 -8.36 9.78
CA SER B 7 16.32 -7.24 9.64
C SER B 7 14.92 -7.62 10.16
N LEU B 8 14.06 -6.61 10.39
CA LEU B 8 12.70 -6.85 10.87
C LEU B 8 11.85 -7.61 9.85
N LEU B 9 12.02 -7.31 8.53
CA LEU B 9 11.32 -7.99 7.41
C LEU B 9 11.72 -9.48 7.44
N GLN B 10 13.05 -9.75 7.54
CA GLN B 10 13.62 -11.10 7.66
C GLN B 10 13.00 -11.88 8.82
N GLN B 11 12.94 -11.26 10.03
CA GLN B 11 12.36 -11.85 11.24
C GLN B 11 10.89 -12.22 11.07
N LEU B 12 10.09 -11.27 10.55
CA LEU B 12 8.64 -11.46 10.35
C LEU B 12 8.28 -12.49 9.26
N LEU B 13 9.14 -12.66 8.26
CA LEU B 13 8.89 -13.62 7.18
C LEU B 13 9.40 -15.02 7.54
N THR B 14 10.38 -15.14 8.47
CA THR B 14 10.98 -16.43 8.83
C THR B 14 10.63 -16.92 10.26
N GLU B 15 9.52 -16.44 10.86
CA GLU B 15 9.10 -16.84 12.20
C GLU B 15 8.75 -18.34 12.31
C1 GOL C . -11.57 15.59 1.12
O1 GOL C . -12.38 16.74 0.97
C2 GOL C . -11.20 15.37 2.57
O2 GOL C . -12.37 15.35 3.39
C3 GOL C . -10.44 14.06 2.74
O3 GOL C . -11.19 12.97 2.24
C1 DEX D . 0.61 5.67 6.89
C2 DEX D . -0.56 5.20 7.33
C3 DEX D . -1.60 4.90 6.33
C4 DEX D . -1.37 5.22 4.89
C5 DEX D . -0.18 5.72 4.51
C6 DEX D . 0.04 6.06 3.06
C7 DEX D . 0.72 7.42 2.88
C8 DEX D . 1.89 7.60 3.83
C9 DEX D . 1.47 7.37 5.30
C10 DEX D . 0.98 5.91 5.46
C11 DEX D . 2.53 7.84 6.34
C12 DEX D . 3.18 9.18 6.02
C13 DEX D . 3.75 9.22 4.60
C14 DEX D . 2.61 8.94 3.63
C15 DEX D . 3.14 9.32 2.27
C16 DEX D . 4.11 10.45 2.56
C17 DEX D . 4.20 10.60 4.09
C18 DEX D . 4.92 8.22 4.48
C19 DEX D . 2.01 4.82 5.13
C20 DEX D . 5.57 11.00 4.62
C21 DEX D . 5.68 11.57 6.03
C22 DEX D . 3.68 11.67 1.76
F1 DEX D . 0.41 8.22 5.54
O1 DEX D . -2.66 4.43 6.71
O2 DEX D . 3.55 6.89 6.57
O3 DEX D . 3.30 11.63 4.54
O4 DEX D . 6.60 10.89 3.98
O5 DEX D . 7.06 11.52 6.38
#